data_4IQE
#
_entry.id   4IQE
#
_cell.length_a   106.166
_cell.length_b   106.166
_cell.length_c   113.449
_cell.angle_alpha   90.00
_cell.angle_beta   90.00
_cell.angle_gamma   120.00
#
_symmetry.space_group_name_H-M   'P 32 2 1'
#
loop_
_entity.id
_entity.type
_entity.pdbx_description
1 polymer 'Carboxyvinyl-carboxyphosphonate phosphorylmutase'
2 water water
#
_entity_poly.entity_id   1
_entity_poly.type   'polypeptide(L)'
_entity_poly.pdbx_seq_one_letter_code
;SNA(MSE)AWVVNKQSTQEELANRFRALVEANEILQIPGAHDA(MSE)AALVARNTGFLALYLSGAAYTASKGLPDLGIV
TSTEVAERARDLVRATDLPVLVDIDTGFGGVLNVARTAVE(MSE)VEAKVAAVQIEDQQLPKKCGHLNGKKLVTTEELVQ
KIKAIKEVAPSLYIVARTDARGVEGLDEAIERANAYVKAGADAIFPEALQSEEEFRLFNSKVNAPLLAN(MSE)TEFGKT
PYYSAEEFAN(MSE)GFQ(MSE)VIYPVTSLRVAAKAYENVFTLIKETGSQKDALSN(MSE)QTRSELYETISYHDFEEL
DTGIAKTVLSEDQ
;
_entity_poly.pdbx_strand_id   A,B
#
# COMPACT_ATOMS: atom_id res chain seq x y z
N VAL A 7 1.38 13.54 12.24
CA VAL A 7 1.58 13.75 13.67
C VAL A 7 1.84 15.22 14.01
N VAL A 8 1.64 16.09 13.02
CA VAL A 8 1.80 17.52 13.22
C VAL A 8 0.42 18.19 13.38
N ASN A 9 0.06 18.44 14.64
CA ASN A 9 -1.25 19.02 14.98
C ASN A 9 -2.42 18.27 14.36
N GLN A 11 -5.77 14.64 15.15
CA GLN A 11 -6.56 15.81 15.51
C GLN A 11 -7.90 15.41 16.13
N SER A 12 -8.93 15.32 15.29
CA SER A 12 -10.27 14.99 15.75
C SER A 12 -10.37 13.60 16.35
N THR A 13 -11.30 13.41 17.28
CA THR A 13 -11.53 12.12 17.90
C THR A 13 -12.50 11.28 17.08
N GLN A 14 -12.78 10.08 17.56
CA GLN A 14 -13.63 9.13 16.84
C GLN A 14 -15.05 9.67 16.70
N GLU A 15 -15.65 10.10 17.81
CA GLU A 15 -17.01 10.62 17.79
C GLU A 15 -17.10 11.92 16.99
N GLU A 16 -16.05 12.73 17.07
CA GLU A 16 -15.98 13.95 16.28
C GLU A 16 -15.92 13.60 14.79
N LEU A 17 -15.24 12.51 14.47
CA LEU A 17 -15.17 12.03 13.10
C LEU A 17 -16.47 11.34 12.71
N ALA A 18 -17.11 10.70 13.68
CA ALA A 18 -18.38 10.02 13.47
C ALA A 18 -19.50 11.04 13.23
N ASN A 19 -19.54 12.08 14.06
CA ASN A 19 -20.53 13.13 13.91
C ASN A 19 -20.28 13.98 12.67
N ARG A 20 -19.03 14.02 12.23
CA ARG A 20 -18.68 14.72 11.00
C ARG A 20 -19.16 13.93 9.80
N PHE A 21 -19.27 12.61 9.97
CA PHE A 21 -19.72 11.73 8.90
C PHE A 21 -21.23 11.75 8.75
N ARG A 22 -21.94 11.79 9.87
CA ARG A 22 -23.40 11.80 9.86
C ARG A 22 -23.94 13.08 9.21
N ALA A 23 -23.34 14.21 9.56
CA ALA A 23 -23.75 15.50 9.03
C ALA A 23 -23.55 15.57 7.52
N LEU A 24 -22.54 14.87 7.03
CA LEU A 24 -22.27 14.82 5.59
C LEU A 24 -23.36 14.02 4.88
N VAL A 25 -23.82 12.96 5.53
CA VAL A 25 -24.90 12.14 5.00
C VAL A 25 -26.22 12.90 5.08
N GLU A 26 -26.44 13.57 6.22
CA GLU A 26 -27.65 14.35 6.44
C GLU A 26 -27.69 15.58 5.54
N ALA A 27 -26.54 15.96 5.00
CA ALA A 27 -26.43 17.14 4.14
C ALA A 27 -27.25 16.99 2.85
N ASN A 28 -27.52 18.12 2.21
CA ASN A 28 -28.30 18.14 0.98
C ASN A 28 -27.65 17.36 -0.15
N GLU A 29 -26.40 17.71 -0.46
CA GLU A 29 -25.66 17.07 -1.54
C GLU A 29 -25.27 15.64 -1.21
N ILE A 30 -25.12 14.82 -2.24
CA ILE A 30 -24.75 13.42 -2.07
C ILE A 30 -23.29 13.29 -1.64
N LEU A 31 -23.01 12.32 -0.77
CA LEU A 31 -21.66 12.14 -0.24
C LEU A 31 -20.83 11.17 -1.09
N GLN A 32 -19.93 11.72 -1.89
CA GLN A 32 -19.01 10.90 -2.68
C GLN A 32 -17.92 10.33 -1.79
N ILE A 33 -17.86 9.00 -1.71
CA ILE A 33 -16.91 8.34 -0.84
C ILE A 33 -15.95 7.44 -1.63
N PRO A 34 -14.74 7.94 -1.90
CA PRO A 34 -13.75 7.17 -2.65
C PRO A 34 -12.93 6.24 -1.77
N GLY A 35 -12.71 5.02 -2.23
CA GLY A 35 -11.93 4.05 -1.49
C GLY A 35 -10.45 4.26 -1.68
N ALA A 36 -9.68 4.10 -0.61
CA ALA A 36 -8.23 4.24 -0.67
C ALA A 36 -7.56 3.09 0.09
N HIS A 37 -6.88 2.21 -0.66
CA HIS A 37 -6.29 1.02 -0.08
C HIS A 37 -5.07 1.31 0.79
N ASP A 38 -4.44 2.47 0.58
CA ASP A 38 -3.34 2.89 1.43
C ASP A 38 -3.48 4.33 1.93
N ALA A 39 -2.52 4.78 2.72
CA ALA A 39 -2.54 6.13 3.28
C ALA A 39 -2.19 7.17 2.23
N MSE A 40 -1.33 6.79 1.29
CA MSE A 40 -0.96 7.71 0.21
C MSE A 40 -2.16 8.08 -0.64
O MSE A 40 -2.40 9.25 -0.91
CB MSE A 40 0.13 7.10 -0.67
CG MSE A 40 0.46 7.93 -1.90
SE MSE A 40 1.13 9.72 -1.46
CE MSE A 40 0.52 10.67 -3.04
N ALA A 41 -2.92 7.07 -1.06
CA ALA A 41 -4.12 7.29 -1.85
C ALA A 41 -5.13 8.11 -1.04
N ALA A 42 -5.16 7.87 0.26
CA ALA A 42 -6.04 8.61 1.16
C ALA A 42 -5.69 10.10 1.15
N LEU A 43 -4.41 10.39 1.00
CA LEU A 43 -3.94 11.77 0.95
C LEU A 43 -4.39 12.45 -0.33
N VAL A 44 -4.31 11.75 -1.45
CA VAL A 44 -4.71 12.30 -2.74
C VAL A 44 -6.20 12.62 -2.75
N ALA A 45 -6.98 11.76 -2.11
CA ALA A 45 -8.42 11.96 -1.99
C ALA A 45 -8.72 13.22 -1.19
N ARG A 46 -7.99 13.40 -0.09
CA ARG A 46 -8.11 14.59 0.74
C ARG A 46 -7.76 15.83 -0.06
N ASN A 47 -6.65 15.76 -0.78
CA ASN A 47 -6.17 16.89 -1.57
C ASN A 47 -7.05 17.15 -2.80
N THR A 48 -7.76 16.12 -3.24
CA THR A 48 -8.69 16.27 -4.36
C THR A 48 -9.92 17.07 -3.94
N GLY A 49 -10.30 16.92 -2.67
CA GLY A 49 -11.41 17.68 -2.12
C GLY A 49 -12.46 16.82 -1.44
N PHE A 50 -12.31 15.51 -1.52
CA PHE A 50 -13.27 14.59 -0.93
C PHE A 50 -13.31 14.73 0.60
N LEU A 51 -14.50 14.56 1.16
CA LEU A 51 -14.72 14.81 2.58
C LEU A 51 -14.84 13.51 3.38
N ALA A 52 -15.00 12.40 2.68
CA ALA A 52 -15.12 11.10 3.32
C ALA A 52 -14.18 10.08 2.70
N LEU A 53 -13.83 9.05 3.46
CA LEU A 53 -12.90 8.03 3.00
C LEU A 53 -13.52 6.63 3.10
N TYR A 54 -13.02 5.70 2.31
CA TYR A 54 -13.55 4.34 2.30
C TYR A 54 -12.43 3.30 2.26
N LEU A 55 -12.67 2.17 2.92
CA LEU A 55 -11.72 1.06 2.91
C LEU A 55 -12.44 -0.26 2.62
N SER A 56 -12.30 -0.74 1.40
CA SER A 56 -12.92 -2.00 1.01
C SER A 56 -11.97 -3.16 1.25
N GLY A 57 -12.52 -4.29 1.69
CA GLY A 57 -11.73 -5.48 1.89
C GLY A 57 -11.20 -6.01 0.57
N ALA A 58 -11.94 -5.75 -0.50
CA ALA A 58 -11.55 -6.17 -1.84
C ALA A 58 -10.25 -5.51 -2.28
N ALA A 59 -10.13 -4.21 -2.01
CA ALA A 59 -8.93 -3.47 -2.38
C ALA A 59 -7.77 -3.77 -1.44
N TYR A 60 -8.06 -3.87 -0.15
CA TYR A 60 -7.03 -4.14 0.84
C TYR A 60 -6.39 -5.51 0.65
N THR A 61 -7.22 -6.51 0.33
CA THR A 61 -6.72 -7.85 0.06
C THR A 61 -5.83 -7.86 -1.17
N ALA A 62 -6.31 -7.25 -2.25
CA ALA A 62 -5.55 -7.16 -3.49
C ALA A 62 -4.27 -6.35 -3.30
N SER A 63 -4.35 -5.35 -2.43
CA SER A 63 -3.18 -4.54 -2.09
C SER A 63 -2.10 -5.41 -1.46
N LYS A 64 -2.53 -6.40 -0.68
CA LYS A 64 -1.60 -7.32 -0.04
C LYS A 64 -1.42 -8.60 -0.86
N GLY A 65 -1.97 -8.62 -2.06
CA GLY A 65 -1.81 -9.74 -2.97
C GLY A 65 -2.67 -10.95 -2.62
N LEU A 66 -3.72 -10.70 -1.84
CA LEU A 66 -4.64 -11.77 -1.45
C LEU A 66 -6.00 -11.59 -2.13
N PRO A 67 -6.74 -12.68 -2.30
CA PRO A 67 -8.08 -12.60 -2.88
C PRO A 67 -9.13 -12.26 -1.84
N ASP A 68 -10.25 -11.69 -2.28
CA ASP A 68 -11.34 -11.34 -1.37
C ASP A 68 -12.06 -12.61 -0.92
N LEU A 69 -11.45 -13.34 0.00
CA LEU A 69 -12.01 -14.59 0.49
C LEU A 69 -12.10 -14.65 2.00
N GLY A 70 -11.95 -13.49 2.64
CA GLY A 70 -12.07 -13.41 4.09
C GLY A 70 -10.95 -14.09 4.83
N ILE A 71 -9.75 -14.06 4.24
CA ILE A 71 -8.58 -14.64 4.88
C ILE A 71 -7.74 -13.55 5.57
N VAL A 72 -8.36 -12.40 5.81
CA VAL A 72 -7.72 -11.33 6.54
C VAL A 72 -8.33 -11.21 7.94
N THR A 73 -7.56 -10.70 8.88
CA THR A 73 -8.03 -10.53 10.26
C THR A 73 -8.70 -9.17 10.45
N SER A 74 -9.45 -9.03 11.53
CA SER A 74 -10.12 -7.78 11.84
C SER A 74 -9.10 -6.71 12.23
N THR A 75 -8.04 -7.14 12.90
CA THR A 75 -6.96 -6.25 13.29
C THR A 75 -6.27 -5.70 12.04
N GLU A 76 -6.05 -6.59 11.08
CA GLU A 76 -5.44 -6.23 9.80
C GLU A 76 -6.12 -5.02 9.17
N VAL A 77 -7.44 -5.06 9.12
CA VAL A 77 -8.22 -3.99 8.54
C VAL A 77 -8.15 -2.73 9.40
N ALA A 78 -8.12 -2.93 10.72
CA ALA A 78 -8.07 -1.81 11.66
C ALA A 78 -6.77 -1.03 11.56
N GLU A 79 -5.69 -1.69 11.16
CA GLU A 79 -4.40 -1.03 11.01
C GLU A 79 -4.39 -0.14 9.78
N ARG A 80 -4.92 -0.67 8.68
CA ARG A 80 -4.99 0.09 7.44
C ARG A 80 -5.97 1.24 7.57
N ALA A 81 -7.03 1.02 8.32
CA ALA A 81 -8.01 2.06 8.59
C ALA A 81 -7.41 3.14 9.48
N ARG A 82 -6.39 2.76 10.24
CA ARG A 82 -5.72 3.70 11.13
C ARG A 82 -4.77 4.60 10.35
N ASP A 83 -4.12 4.03 9.33
CA ASP A 83 -3.23 4.81 8.47
C ASP A 83 -4.02 5.85 7.69
N LEU A 84 -5.27 5.53 7.37
CA LEU A 84 -6.14 6.43 6.63
C LEU A 84 -6.58 7.62 7.49
N VAL A 85 -6.87 7.36 8.76
CA VAL A 85 -7.31 8.40 9.68
C VAL A 85 -6.15 9.28 10.13
N ARG A 86 -5.02 8.66 10.46
CA ARG A 86 -3.83 9.37 10.91
C ARG A 86 -3.36 10.41 9.89
N ALA A 87 -3.44 10.04 8.62
CA ALA A 87 -2.89 10.86 7.55
C ALA A 87 -3.81 12.01 7.12
N THR A 88 -5.11 11.82 7.24
CA THR A 88 -6.07 12.77 6.68
C THR A 88 -7.03 13.37 7.69
N ASP A 89 -7.24 12.67 8.81
CA ASP A 89 -8.23 13.09 9.82
C ASP A 89 -9.61 13.23 9.19
N LEU A 90 -9.93 12.34 8.25
CA LEU A 90 -11.22 12.34 7.58
C LEU A 90 -12.07 11.19 8.07
N PRO A 91 -13.41 11.35 7.99
CA PRO A 91 -14.31 10.24 8.32
C PRO A 91 -14.09 9.07 7.39
N VAL A 92 -13.85 7.89 7.95
CA VAL A 92 -13.56 6.71 7.15
C VAL A 92 -14.62 5.63 7.30
N LEU A 93 -15.14 5.17 6.17
CA LEU A 93 -16.09 4.06 6.16
C LEU A 93 -15.36 2.75 5.84
N VAL A 94 -15.49 1.78 6.74
CA VAL A 94 -14.71 0.55 6.63
C VAL A 94 -15.59 -0.68 6.38
N ASP A 95 -15.28 -1.40 5.29
CA ASP A 95 -15.94 -2.66 5.00
C ASP A 95 -15.43 -3.75 5.93
N ILE A 96 -16.33 -4.32 6.73
CA ILE A 96 -15.93 -5.32 7.72
C ILE A 96 -16.59 -6.66 7.50
N ASP A 97 -17.09 -6.90 6.29
CA ASP A 97 -17.74 -8.16 5.92
C ASP A 97 -18.89 -8.52 6.85
N THR A 98 -18.76 -9.64 7.56
CA THR A 98 -19.81 -10.10 8.47
C THR A 98 -19.42 -9.90 9.92
N GLY A 99 -18.43 -9.03 10.15
CA GLY A 99 -17.95 -8.76 11.49
C GLY A 99 -16.87 -9.72 11.93
N PHE A 100 -16.33 -10.47 10.97
CA PHE A 100 -15.24 -11.41 11.22
C PHE A 100 -15.55 -12.46 12.27
N GLY A 101 -16.78 -12.98 12.26
CA GLY A 101 -17.18 -14.03 13.18
C GLY A 101 -18.55 -13.83 13.79
N GLY A 102 -18.76 -14.45 14.94
CA GLY A 102 -20.03 -14.36 15.64
C GLY A 102 -20.24 -13.04 16.34
N VAL A 103 -21.29 -12.96 17.16
CA VAL A 103 -21.65 -11.74 17.86
C VAL A 103 -20.50 -11.13 18.66
N LEU A 104 -19.70 -11.99 19.29
CA LEU A 104 -18.58 -11.53 20.11
C LEU A 104 -17.42 -11.00 19.26
N ASN A 105 -17.13 -11.70 18.17
CA ASN A 105 -16.10 -11.23 17.23
C ASN A 105 -16.48 -9.90 16.60
N VAL A 106 -17.77 -9.73 16.34
CA VAL A 106 -18.27 -8.47 15.81
C VAL A 106 -18.06 -7.35 16.82
N ALA A 107 -18.32 -7.66 18.10
CA ALA A 107 -18.15 -6.69 19.17
C ALA A 107 -16.70 -6.24 19.28
N ARG A 108 -15.78 -7.19 19.22
CA ARG A 108 -14.35 -6.87 19.24
C ARG A 108 -13.97 -6.08 18.00
N THR A 109 -14.48 -6.52 16.85
CA THR A 109 -14.25 -5.84 15.59
C THR A 109 -14.71 -4.38 15.68
N ALA A 110 -15.89 -4.17 16.24
CA ALA A 110 -16.45 -2.83 16.40
C ALA A 110 -15.57 -1.96 17.29
N VAL A 111 -15.13 -2.54 18.41
CA VAL A 111 -14.26 -1.82 19.35
C VAL A 111 -12.91 -1.50 18.71
N GLU A 112 -12.37 -2.46 17.97
CA GLU A 112 -11.10 -2.27 17.27
C GLU A 112 -11.17 -1.11 16.28
N MSE A 113 -12.36 -0.89 15.70
CA MSE A 113 -12.56 0.19 14.75
C MSE A 113 -12.64 1.55 15.45
O MSE A 113 -12.11 2.54 14.95
CB MSE A 113 -13.80 -0.05 13.90
CG MSE A 113 -13.72 -1.30 13.04
SE MSE A 113 -12.16 -1.32 11.86
CE MSE A 113 -12.26 -3.16 11.26
N VAL A 114 -13.32 1.58 16.59
CA VAL A 114 -13.44 2.82 17.37
C VAL A 114 -12.08 3.27 17.85
N GLU A 115 -11.25 2.33 18.28
CA GLU A 115 -9.89 2.63 18.72
C GLU A 115 -9.05 3.23 17.60
N ALA A 116 -9.33 2.80 16.37
CA ALA A 116 -8.61 3.29 15.21
C ALA A 116 -9.23 4.59 14.69
N LYS A 117 -10.11 5.17 15.49
CA LYS A 117 -10.81 6.41 15.15
C LYS A 117 -11.54 6.34 13.81
N VAL A 118 -12.15 5.18 13.56
CA VAL A 118 -12.98 4.98 12.38
C VAL A 118 -14.38 5.55 12.61
N ALA A 119 -14.88 6.31 11.66
CA ALA A 119 -16.17 6.98 11.78
C ALA A 119 -17.35 6.04 11.52
N ALA A 120 -17.16 5.08 10.61
CA ALA A 120 -18.26 4.20 10.21
C ALA A 120 -17.77 2.85 9.69
N VAL A 121 -18.56 1.81 9.90
CA VAL A 121 -18.23 0.48 9.41
C VAL A 121 -19.36 -0.10 8.57
N GLN A 122 -19.04 -1.08 7.74
CA GLN A 122 -20.02 -1.70 6.85
C GLN A 122 -20.10 -3.22 7.03
N ILE A 123 -21.22 -3.70 7.57
CA ILE A 123 -21.43 -5.12 7.77
C ILE A 123 -22.51 -5.63 6.82
N GLU A 124 -22.42 -6.90 6.43
CA GLU A 124 -23.36 -7.48 5.47
C GLU A 124 -24.07 -8.72 6.00
N ASP A 125 -25.04 -9.21 5.24
CA ASP A 125 -25.82 -10.38 5.66
C ASP A 125 -25.42 -11.66 4.95
N GLN A 126 -24.31 -11.63 4.21
CA GLN A 126 -23.81 -12.82 3.54
C GLN A 126 -23.41 -13.88 4.55
N GLN A 127 -23.53 -15.15 4.15
CA GLN A 127 -23.18 -16.26 5.03
C GLN A 127 -21.79 -16.81 4.67
N LEU A 128 -20.82 -16.49 5.50
CA LEU A 128 -19.45 -16.96 5.31
C LEU A 128 -18.84 -17.38 6.65
N PRO A 129 -17.86 -18.31 6.61
CA PRO A 129 -17.27 -18.96 5.43
C PRO A 129 -18.20 -19.99 4.79
N LYS A 130 -18.30 -19.92 3.46
CA LYS A 130 -19.11 -20.86 2.70
C LYS A 130 -18.47 -22.26 2.72
N LYS A 131 -19.31 -23.28 2.66
CA LYS A 131 -18.84 -24.66 2.77
C LYS A 131 -17.90 -25.06 1.64
N CYS A 132 -17.18 -26.15 1.84
CA CYS A 132 -16.18 -26.62 0.88
C CYS A 132 -16.83 -27.10 -0.41
N ASN A 136 -18.02 -19.89 -3.44
CA ASN A 136 -18.22 -19.47 -4.81
C ASN A 136 -19.69 -19.12 -5.06
N GLY A 137 -20.45 -18.98 -3.99
CA GLY A 137 -21.86 -18.65 -4.09
C GLY A 137 -22.31 -17.68 -3.01
N LYS A 138 -23.39 -16.95 -3.30
CA LYS A 138 -23.91 -15.97 -2.36
C LYS A 138 -25.04 -16.54 -1.50
N LYS A 139 -24.72 -16.80 -0.23
CA LYS A 139 -25.70 -17.28 0.72
C LYS A 139 -25.86 -16.26 1.84
N LEU A 140 -27.08 -16.10 2.33
CA LEU A 140 -27.34 -15.11 3.38
C LEU A 140 -27.68 -15.77 4.71
N VAL A 141 -27.44 -15.03 5.79
CA VAL A 141 -27.82 -15.48 7.12
C VAL A 141 -29.26 -15.02 7.37
N THR A 142 -29.86 -15.51 8.46
CA THR A 142 -31.20 -15.09 8.82
C THR A 142 -31.19 -13.61 9.18
N THR A 143 -32.34 -12.95 9.03
CA THR A 143 -32.45 -11.54 9.37
C THR A 143 -32.10 -11.31 10.84
N GLU A 144 -32.52 -12.25 11.69
CA GLU A 144 -32.23 -12.17 13.12
C GLU A 144 -30.74 -12.21 13.39
N GLU A 145 -30.01 -13.01 12.62
CA GLU A 145 -28.58 -13.20 12.82
C GLU A 145 -27.77 -11.92 12.61
N LEU A 146 -28.14 -11.15 11.59
CA LEU A 146 -27.46 -9.88 11.32
C LEU A 146 -27.95 -8.82 12.29
N VAL A 147 -29.24 -8.89 12.64
CA VAL A 147 -29.80 -7.97 13.62
C VAL A 147 -29.05 -8.08 14.94
N GLN A 148 -28.85 -9.31 15.40
CA GLN A 148 -28.07 -9.57 16.61
C GLN A 148 -26.69 -8.91 16.54
N LYS A 149 -26.07 -8.97 15.37
CA LYS A 149 -24.78 -8.33 15.15
C LYS A 149 -24.89 -6.82 15.26
N ILE A 150 -25.98 -6.27 14.71
CA ILE A 150 -26.22 -4.82 14.79
C ILE A 150 -26.46 -4.39 16.22
N LYS A 151 -27.20 -5.20 16.98
CA LYS A 151 -27.46 -4.93 18.39
C LYS A 151 -26.14 -4.92 19.18
N ALA A 152 -25.23 -5.81 18.80
CA ALA A 152 -23.93 -5.91 19.47
C ALA A 152 -23.09 -4.66 19.23
N ILE A 153 -23.07 -4.17 18.00
CA ILE A 153 -22.30 -2.99 17.65
C ILE A 153 -22.79 -1.76 18.42
N LYS A 154 -24.09 -1.56 18.44
CA LYS A 154 -24.70 -0.44 19.17
C LYS A 154 -24.44 -0.56 20.67
N GLU A 155 -24.32 -1.79 21.15
CA GLU A 155 -24.12 -2.05 22.57
C GLU A 155 -22.70 -1.74 23.02
N VAL A 156 -21.72 -2.18 22.24
CA VAL A 156 -20.32 -2.00 22.61
C VAL A 156 -19.71 -0.73 22.02
N ALA A 157 -20.30 -0.25 20.93
CA ALA A 157 -19.79 0.94 20.26
C ALA A 157 -20.91 1.80 19.68
N PRO A 158 -21.58 2.58 20.55
CA PRO A 158 -22.67 3.45 20.13
C PRO A 158 -22.18 4.62 19.28
N SER A 159 -20.92 5.00 19.46
CA SER A 159 -20.34 6.12 18.74
C SER A 159 -20.02 5.76 17.29
N LEU A 160 -20.31 4.53 16.92
CA LEU A 160 -19.98 4.03 15.59
C LEU A 160 -21.17 4.13 14.64
N TYR A 161 -20.96 4.79 13.50
CA TYR A 161 -21.98 4.86 12.45
C TYR A 161 -22.03 3.53 11.72
N ILE A 162 -23.23 3.09 11.37
CA ILE A 162 -23.40 1.74 10.81
C ILE A 162 -24.03 1.73 9.43
N VAL A 163 -23.41 1.01 8.50
CA VAL A 163 -23.98 0.77 7.19
C VAL A 163 -24.21 -0.73 7.00
N ALA A 164 -25.43 -1.11 6.66
CA ALA A 164 -25.78 -2.52 6.51
C ALA A 164 -25.92 -2.92 5.05
N ARG A 165 -25.13 -3.88 4.62
CA ARG A 165 -25.20 -4.37 3.24
C ARG A 165 -26.10 -5.59 3.12
N THR A 166 -26.97 -5.59 2.12
CA THR A 166 -27.84 -6.72 1.87
C THR A 166 -27.75 -7.18 0.41
N ASP A 167 -27.50 -8.48 0.24
CA ASP A 167 -27.45 -9.08 -1.09
C ASP A 167 -28.71 -9.88 -1.34
N ALA A 168 -29.81 -9.46 -0.72
CA ALA A 168 -31.07 -10.19 -0.81
C ALA A 168 -31.79 -9.96 -2.14
N ARG A 169 -31.45 -8.87 -2.81
CA ARG A 169 -32.04 -8.55 -4.10
C ARG A 169 -31.72 -9.64 -5.12
N GLY A 170 -30.49 -10.14 -5.08
CA GLY A 170 -30.03 -11.14 -6.01
C GLY A 170 -30.53 -12.54 -5.71
N VAL A 171 -30.39 -12.97 -4.45
CA VAL A 171 -30.70 -14.35 -4.09
C VAL A 171 -32.16 -14.56 -3.66
N GLU A 172 -32.72 -13.60 -2.92
CA GLU A 172 -34.08 -13.73 -2.44
C GLU A 172 -35.08 -12.99 -3.33
N GLY A 173 -34.99 -11.67 -3.33
CA GLY A 173 -35.87 -10.85 -4.15
C GLY A 173 -35.89 -9.40 -3.72
N LEU A 174 -36.50 -8.56 -4.56
CA LEU A 174 -36.58 -7.13 -4.28
C LEU A 174 -37.33 -6.84 -3.00
N ASP A 175 -38.44 -7.54 -2.79
CA ASP A 175 -39.30 -7.30 -1.65
C ASP A 175 -38.72 -7.82 -0.33
N GLU A 176 -38.00 -8.94 -0.40
CA GLU A 176 -37.37 -9.51 0.78
C GLU A 176 -36.18 -8.66 1.24
N ALA A 177 -35.58 -7.95 0.29
CA ALA A 177 -34.45 -7.09 0.58
C ALA A 177 -34.89 -5.85 1.36
N ILE A 178 -36.09 -5.36 1.04
CA ILE A 178 -36.65 -4.20 1.71
C ILE A 178 -37.06 -4.55 3.14
N GLU A 179 -37.66 -5.71 3.32
CA GLU A 179 -38.05 -6.19 4.64
C GLU A 179 -36.81 -6.35 5.53
N ARG A 180 -35.75 -6.91 4.96
CA ARG A 180 -34.48 -7.06 5.67
C ARG A 180 -33.92 -5.69 6.04
N ALA A 181 -33.99 -4.76 5.08
CA ALA A 181 -33.47 -3.41 5.28
C ALA A 181 -34.14 -2.73 6.48
N ASN A 182 -35.47 -2.63 6.44
CA ASN A 182 -36.23 -2.01 7.51
C ASN A 182 -36.00 -2.68 8.86
N ALA A 183 -35.70 -3.98 8.83
CA ALA A 183 -35.41 -4.72 10.04
C ALA A 183 -34.02 -4.40 10.57
N TYR A 184 -33.10 -4.15 9.65
CA TYR A 184 -31.74 -3.76 10.02
C TYR A 184 -31.75 -2.34 10.58
N VAL A 185 -32.65 -1.52 10.07
CA VAL A 185 -32.77 -0.13 10.50
C VAL A 185 -33.27 -0.04 11.94
N LYS A 186 -34.27 -0.84 12.28
CA LYS A 186 -34.85 -0.82 13.61
C LYS A 186 -33.91 -1.44 14.65
N ALA A 187 -32.82 -2.04 14.17
CA ALA A 187 -31.85 -2.67 15.05
C ALA A 187 -30.73 -1.70 15.43
N GLY A 188 -30.49 -0.70 14.60
CA GLY A 188 -29.49 0.30 14.89
C GLY A 188 -28.74 0.83 13.68
N ALA A 189 -28.90 0.16 12.54
CA ALA A 189 -28.22 0.57 11.32
C ALA A 189 -28.70 1.95 10.87
N ASP A 190 -27.75 2.85 10.63
CA ASP A 190 -28.07 4.22 10.25
C ASP A 190 -28.33 4.34 8.76
N ALA A 191 -27.63 3.53 7.97
CA ALA A 191 -27.78 3.57 6.52
C ALA A 191 -27.83 2.16 5.94
N ILE A 192 -28.31 2.04 4.70
CA ILE A 192 -28.45 0.75 4.06
C ILE A 192 -27.68 0.65 2.75
N PHE A 193 -26.94 -0.45 2.58
CA PHE A 193 -26.21 -0.74 1.36
C PHE A 193 -26.98 -1.84 0.63
N PRO A 194 -27.85 -1.45 -0.31
CA PRO A 194 -28.63 -2.41 -1.09
C PRO A 194 -27.91 -2.83 -2.35
N GLU A 195 -27.17 -3.93 -2.28
CA GLU A 195 -26.38 -4.40 -3.41
C GLU A 195 -27.27 -4.93 -4.53
N ALA A 196 -26.93 -4.53 -5.76
CA ALA A 196 -27.51 -5.07 -6.99
C ALA A 196 -28.97 -4.72 -7.26
N LEU A 197 -29.37 -3.48 -6.96
CA LEU A 197 -30.67 -3.00 -7.40
C LEU A 197 -30.60 -2.77 -8.91
N GLN A 198 -31.64 -3.18 -9.62
CA GLN A 198 -31.54 -3.35 -11.07
C GLN A 198 -32.03 -2.19 -11.95
N SER A 199 -32.70 -1.21 -11.35
CA SER A 199 -33.23 -0.10 -12.15
C SER A 199 -33.47 1.16 -11.35
N GLU A 200 -33.72 2.26 -12.07
CA GLU A 200 -34.05 3.54 -11.44
C GLU A 200 -35.31 3.41 -10.61
N GLU A 201 -36.26 2.63 -11.10
CA GLU A 201 -37.51 2.39 -10.41
C GLU A 201 -37.28 1.62 -9.11
N GLU A 202 -36.32 0.71 -9.12
CA GLU A 202 -35.98 -0.06 -7.94
C GLU A 202 -35.28 0.81 -6.90
N PHE A 203 -34.52 1.80 -7.37
CA PHE A 203 -33.84 2.73 -6.49
C PHE A 203 -34.86 3.56 -5.72
N ARG A 204 -35.79 4.16 -6.46
CA ARG A 204 -36.79 5.06 -5.89
C ARG A 204 -37.73 4.33 -4.94
N LEU A 205 -38.13 3.11 -5.31
CA LEU A 205 -39.04 2.33 -4.49
C LEU A 205 -38.36 1.88 -3.20
N PHE A 206 -37.07 1.55 -3.29
CA PHE A 206 -36.29 1.18 -2.12
C PHE A 206 -36.11 2.39 -1.22
N ASN A 207 -35.91 3.55 -1.84
CA ASN A 207 -35.74 4.80 -1.11
C ASN A 207 -36.98 5.20 -0.33
N SER A 208 -38.15 4.99 -0.92
CA SER A 208 -39.41 5.39 -0.31
C SER A 208 -39.89 4.39 0.74
N LYS A 209 -39.64 3.11 0.49
CA LYS A 209 -40.09 2.06 1.40
C LYS A 209 -39.19 1.89 2.61
N VAL A 210 -37.97 2.42 2.53
CA VAL A 210 -37.02 2.31 3.63
C VAL A 210 -36.63 3.68 4.16
N ASN A 211 -36.81 3.88 5.46
CA ASN A 211 -36.51 5.17 6.08
C ASN A 211 -35.07 5.27 6.57
N ALA A 212 -34.13 5.22 5.63
CA ALA A 212 -32.72 5.34 5.95
C ALA A 212 -31.95 5.73 4.69
N PRO A 213 -30.89 6.54 4.86
CA PRO A 213 -30.02 6.96 3.75
C PRO A 213 -29.46 5.77 2.99
N LEU A 214 -29.46 5.86 1.66
CA LEU A 214 -29.01 4.75 0.83
C LEU A 214 -27.60 4.96 0.28
N LEU A 215 -26.83 3.87 0.25
CA LEU A 215 -25.46 3.92 -0.26
C LEU A 215 -25.42 3.36 -1.69
N ALA A 216 -24.56 3.94 -2.52
CA ALA A 216 -24.42 3.50 -3.90
C ALA A 216 -23.05 2.89 -4.17
N ASN A 217 -23.05 1.65 -4.64
CA ASN A 217 -21.81 0.95 -4.96
C ASN A 217 -21.39 1.20 -6.41
N MSE A 218 -20.75 2.34 -6.64
CA MSE A 218 -20.28 2.66 -7.98
C MSE A 218 -18.94 1.97 -8.25
O MSE A 218 -17.91 2.62 -8.34
CB MSE A 218 -20.16 4.18 -8.17
CG MSE A 218 -19.96 4.63 -9.62
SE MSE A 218 -21.32 3.95 -10.86
CE MSE A 218 -20.39 2.37 -11.53
N THR A 219 -18.99 0.65 -8.39
CA THR A 219 -17.80 -0.12 -8.70
C THR A 219 -17.76 -0.41 -10.20
N GLU A 220 -16.55 -0.55 -10.74
CA GLU A 220 -16.37 -0.72 -12.18
C GLU A 220 -16.51 -2.16 -12.62
N PHE A 221 -16.96 -2.35 -13.87
CA PHE A 221 -17.12 -3.67 -14.47
C PHE A 221 -18.03 -4.57 -13.63
N GLY A 222 -18.99 -3.97 -12.94
CA GLY A 222 -19.90 -4.71 -12.09
C GLY A 222 -21.31 -4.78 -12.65
N LYS A 223 -22.29 -4.77 -11.75
CA LYS A 223 -23.69 -4.87 -12.13
C LYS A 223 -24.40 -3.54 -11.97
N THR A 224 -23.63 -2.46 -11.98
CA THR A 224 -24.18 -1.11 -11.84
C THR A 224 -23.72 -0.22 -12.99
N PRO A 225 -24.69 0.37 -13.71
CA PRO A 225 -24.39 1.32 -14.79
C PRO A 225 -23.65 2.53 -14.23
N TYR A 226 -22.79 3.14 -15.05
CA TYR A 226 -21.96 4.24 -14.58
C TYR A 226 -22.74 5.55 -14.46
N TYR A 227 -23.67 5.59 -13.52
CA TYR A 227 -24.40 6.83 -13.23
C TYR A 227 -23.48 7.84 -12.59
N SER A 228 -23.73 9.12 -12.85
CA SER A 228 -22.98 10.18 -12.20
C SER A 228 -23.44 10.31 -10.75
N ALA A 229 -22.64 10.97 -9.93
CA ALA A 229 -22.98 11.17 -8.53
C ALA A 229 -24.27 11.99 -8.40
N GLU A 230 -24.48 12.90 -9.34
CA GLU A 230 -25.68 13.72 -9.36
C GLU A 230 -26.90 12.89 -9.73
N GLU A 231 -26.69 11.85 -10.54
CA GLU A 231 -27.77 10.97 -10.94
C GLU A 231 -28.21 10.04 -9.80
N PHE A 232 -27.25 9.55 -9.03
CA PHE A 232 -27.56 8.74 -7.87
C PHE A 232 -28.34 9.54 -6.84
N ALA A 233 -28.03 10.82 -6.76
CA ALA A 233 -28.67 11.72 -5.80
C ALA A 233 -30.14 11.95 -6.13
N ASN A 234 -30.47 11.95 -7.41
CA ASN A 234 -31.84 12.19 -7.85
C ASN A 234 -32.71 10.94 -7.80
N MSE A 235 -32.09 9.78 -7.66
CA MSE A 235 -32.82 8.52 -7.67
C MSE A 235 -33.04 7.94 -6.27
O MSE A 235 -33.63 6.88 -6.12
CB MSE A 235 -32.12 7.50 -8.58
CG MSE A 235 -32.05 7.93 -10.04
SE MSE A 235 -31.19 6.61 -11.20
CE MSE A 235 -31.23 7.61 -12.88
N GLY A 236 -32.56 8.66 -5.26
CA GLY A 236 -32.83 8.28 -3.89
C GLY A 236 -31.63 7.87 -3.06
N PHE A 237 -30.43 8.23 -3.51
CA PHE A 237 -29.21 7.90 -2.78
C PHE A 237 -28.60 9.15 -2.12
N GLN A 238 -28.08 8.98 -0.92
CA GLN A 238 -27.50 10.09 -0.17
C GLN A 238 -25.99 9.93 0.01
N MSE A 239 -25.44 8.85 -0.53
CA MSE A 239 -24.00 8.63 -0.54
C MSE A 239 -23.62 7.61 -1.61
O MSE A 239 -24.42 6.74 -1.96
CB MSE A 239 -23.51 8.19 0.85
CG MSE A 239 -23.68 6.71 1.13
SE MSE A 239 -23.50 6.28 3.02
CE MSE A 239 -25.22 6.97 3.64
N VAL A 240 -22.40 7.72 -2.12
CA VAL A 240 -21.94 6.84 -3.19
C VAL A 240 -20.46 6.47 -3.01
N ILE A 241 -20.16 5.18 -3.17
CA ILE A 241 -18.79 4.71 -2.97
C ILE A 241 -18.09 4.27 -4.26
N TYR A 242 -16.79 4.52 -4.31
CA TYR A 242 -15.95 4.06 -5.40
C TYR A 242 -14.83 3.20 -4.81
N PRO A 243 -15.17 1.95 -4.45
CA PRO A 243 -14.37 1.07 -3.59
C PRO A 243 -13.00 0.69 -4.13
N VAL A 244 -12.95 0.01 -5.27
CA VAL A 244 -11.72 -0.59 -5.76
C VAL A 244 -11.02 0.28 -6.80
N THR A 245 -11.55 1.48 -7.04
CA THR A 245 -11.04 2.38 -8.07
C THR A 245 -9.56 2.73 -7.86
N SER A 246 -9.17 2.93 -6.61
CA SER A 246 -7.80 3.34 -6.28
C SER A 246 -6.78 2.28 -6.69
N LEU A 247 -7.02 1.03 -6.32
CA LEU A 247 -6.14 -0.06 -6.67
C LEU A 247 -6.18 -0.32 -8.17
N ARG A 248 -7.34 -0.09 -8.77
CA ARG A 248 -7.57 -0.37 -10.18
C ARG A 248 -6.64 0.43 -11.09
N VAL A 249 -6.56 1.74 -10.85
CA VAL A 249 -5.70 2.61 -11.64
C VAL A 249 -4.22 2.40 -11.30
N ALA A 250 -3.96 1.93 -10.08
CA ALA A 250 -2.60 1.73 -9.61
C ALA A 250 -1.94 0.52 -10.26
N ALA A 251 -2.66 -0.60 -10.29
CA ALA A 251 -2.14 -1.82 -10.88
C ALA A 251 -1.91 -1.67 -12.38
N LYS A 252 -2.77 -0.88 -13.02
CA LYS A 252 -2.63 -0.61 -14.45
C LYS A 252 -1.41 0.26 -14.70
N ALA A 253 -1.08 1.11 -13.74
CA ALA A 253 0.07 2.00 -13.86
C ALA A 253 1.39 1.25 -13.64
N TYR A 254 1.37 0.29 -12.72
CA TYR A 254 2.54 -0.55 -12.48
C TYR A 254 2.85 -1.34 -13.75
N GLU A 255 1.81 -1.88 -14.36
CA GLU A 255 1.93 -2.64 -15.59
C GLU A 255 2.63 -1.85 -16.69
N ASN A 256 2.22 -0.60 -16.87
CA ASN A 256 2.81 0.27 -17.88
C ASN A 256 4.29 0.53 -17.65
N VAL A 257 4.61 1.01 -16.45
CA VAL A 257 5.98 1.42 -16.14
C VAL A 257 6.93 0.22 -16.03
N PHE A 258 6.42 -0.93 -15.59
CA PHE A 258 7.25 -2.12 -15.47
C PHE A 258 7.57 -2.71 -16.84
N THR A 259 6.56 -2.73 -17.71
CA THR A 259 6.75 -3.22 -19.07
C THR A 259 7.77 -2.37 -19.79
N LEU A 260 7.71 -1.06 -19.55
CA LEU A 260 8.63 -0.11 -20.15
C LEU A 260 10.07 -0.40 -19.75
N ILE A 261 10.32 -0.46 -18.44
CA ILE A 261 11.64 -0.74 -17.92
C ILE A 261 12.16 -2.10 -18.41
N LYS A 262 11.25 -3.06 -18.52
CA LYS A 262 11.62 -4.42 -18.89
C LYS A 262 12.10 -4.54 -20.33
N GLU A 263 11.34 -3.99 -21.27
CA GLU A 263 11.63 -4.19 -22.69
C GLU A 263 12.38 -3.04 -23.35
N THR A 264 12.42 -1.88 -22.71
CA THR A 264 13.16 -0.74 -23.23
C THR A 264 14.48 -0.57 -22.49
N GLY A 265 14.48 -0.93 -21.20
CA GLY A 265 15.66 -0.81 -20.37
C GLY A 265 15.65 0.44 -19.52
N SER A 266 14.60 1.25 -19.66
CA SER A 266 14.50 2.49 -18.90
C SER A 266 13.05 2.92 -18.69
N GLN A 267 12.83 3.85 -17.78
CA GLN A 267 11.49 4.34 -17.47
C GLN A 267 11.29 5.76 -18.01
N LYS A 268 12.19 6.18 -18.90
CA LYS A 268 12.21 7.55 -19.40
C LYS A 268 10.98 7.95 -20.23
N ASP A 269 10.11 7.01 -20.52
CA ASP A 269 8.93 7.30 -21.31
C ASP A 269 7.68 7.48 -20.46
N ALA A 270 7.77 7.08 -19.19
CA ALA A 270 6.63 7.15 -18.29
C ALA A 270 6.76 8.31 -17.30
N LEU A 271 7.70 9.21 -17.56
CA LEU A 271 7.96 10.34 -16.69
C LEU A 271 6.75 11.27 -16.58
N SER A 272 5.96 11.34 -17.65
CA SER A 272 4.76 12.16 -17.67
C SER A 272 3.69 11.59 -16.75
N ASN A 273 3.75 10.28 -16.54
CA ASN A 273 2.77 9.59 -15.71
C ASN A 273 3.24 9.41 -14.27
N MSE A 274 4.07 10.35 -13.79
CA MSE A 274 4.64 10.22 -12.46
C MSE A 274 4.42 11.44 -11.57
O MSE A 274 4.21 12.55 -12.06
CB MSE A 274 6.15 9.94 -12.55
CG MSE A 274 6.48 8.61 -13.19
SE MSE A 274 8.40 8.25 -13.18
CE MSE A 274 8.40 6.63 -14.27
N GLN A 275 4.45 11.20 -10.26
CA GLN A 275 4.37 12.26 -9.28
C GLN A 275 5.77 12.78 -9.00
N THR A 276 5.98 14.08 -9.22
CA THR A 276 7.31 14.67 -9.08
C THR A 276 7.77 14.73 -7.62
N ARG A 277 9.03 15.10 -7.41
CA ARG A 277 9.60 15.22 -6.08
C ARG A 277 8.81 16.20 -5.21
N SER A 278 8.49 17.36 -5.79
CA SER A 278 7.79 18.41 -5.08
C SER A 278 6.41 17.97 -4.61
N GLU A 279 5.69 17.28 -5.50
CA GLU A 279 4.35 16.80 -5.19
C GLU A 279 4.35 15.75 -4.10
N LEU A 280 5.42 14.96 -4.03
CA LEU A 280 5.57 13.96 -2.98
C LEU A 280 5.84 14.67 -1.65
N TYR A 281 6.81 15.58 -1.70
CA TYR A 281 7.16 16.44 -0.58
C TYR A 281 5.91 17.09 0.03
N GLU A 282 5.13 17.75 -0.82
CA GLU A 282 3.96 18.50 -0.38
C GLU A 282 2.87 17.60 0.20
N THR A 283 2.57 16.52 -0.51
CA THR A 283 1.52 15.60 -0.09
C THR A 283 1.88 14.94 1.24
N ILE A 284 3.17 14.68 1.43
CA ILE A 284 3.63 13.97 2.61
C ILE A 284 3.84 14.91 3.80
N SER A 285 3.74 16.22 3.51
CA SER A 285 3.83 17.27 4.52
C SER A 285 5.20 17.34 5.20
N TYR A 286 6.25 17.28 4.38
CA TYR A 286 7.62 17.38 4.89
C TYR A 286 7.85 18.72 5.57
N HIS A 287 7.25 19.77 5.01
CA HIS A 287 7.41 21.12 5.54
C HIS A 287 6.89 21.25 6.97
N ASP A 288 5.82 20.52 7.27
CA ASP A 288 5.22 20.56 8.59
C ASP A 288 6.04 19.78 9.61
N PHE A 289 6.77 18.78 9.15
CA PHE A 289 7.69 18.04 10.01
C PHE A 289 8.94 18.86 10.25
N GLU A 290 9.28 19.71 9.29
CA GLU A 290 10.47 20.54 9.39
C GLU A 290 10.23 21.72 10.34
N GLU A 291 9.10 22.40 10.17
CA GLU A 291 8.76 23.54 11.04
C GLU A 291 8.58 23.10 12.49
N LEU A 292 8.20 21.84 12.68
CA LEU A 292 8.05 21.27 14.01
C LEU A 292 9.41 21.14 14.67
N ASP A 293 10.29 20.39 14.02
CA ASP A 293 11.64 20.16 14.52
C ASP A 293 12.45 21.44 14.66
N THR A 294 12.33 22.33 13.67
CA THR A 294 13.03 23.61 13.69
C THR A 294 12.44 24.54 14.75
N GLY A 295 11.12 24.48 14.91
CA GLY A 295 10.44 25.28 15.91
C GLY A 295 10.90 24.92 17.30
N ILE A 296 11.10 23.62 17.54
CA ILE A 296 11.63 23.14 18.80
C ILE A 296 13.11 23.49 18.89
N ALA A 297 13.78 23.45 17.75
CA ALA A 297 15.21 23.74 17.67
C ALA A 297 15.56 25.16 18.12
N LYS A 298 14.86 26.15 17.55
CA LYS A 298 15.22 27.54 17.80
C LYS A 298 14.64 28.06 19.12
N THR A 299 14.04 27.16 19.89
CA THR A 299 13.53 27.51 21.21
C THR A 299 14.24 26.72 22.30
N GLN B 11 7.25 -20.91 -0.41
CA GLN B 11 7.84 -21.95 -1.25
C GLN B 11 9.33 -22.11 -1.01
N SER B 12 10.09 -21.08 -1.35
CA SER B 12 11.54 -21.12 -1.21
C SER B 12 11.98 -20.63 0.17
N THR B 13 13.06 -21.21 0.67
CA THR B 13 13.62 -20.80 1.95
C THR B 13 14.43 -19.52 1.78
N GLN B 14 14.83 -18.91 2.89
CA GLN B 14 15.62 -17.68 2.85
C GLN B 14 16.95 -17.93 2.17
N GLU B 15 17.61 -19.02 2.56
CA GLU B 15 18.94 -19.34 2.05
C GLU B 15 18.91 -19.64 0.54
N GLU B 16 17.79 -20.17 0.07
CA GLU B 16 17.60 -20.43 -1.34
C GLU B 16 17.40 -19.12 -2.11
N LEU B 17 16.70 -18.18 -1.49
CA LEU B 17 16.43 -16.89 -2.12
C LEU B 17 17.67 -15.99 -2.12
N ALA B 18 18.49 -16.13 -1.08
CA ALA B 18 19.69 -15.30 -0.95
C ALA B 18 20.75 -15.69 -1.97
N ASN B 19 20.99 -16.98 -2.11
CA ASN B 19 21.95 -17.49 -3.08
C ASN B 19 21.47 -17.29 -4.51
N ARG B 20 20.16 -17.15 -4.67
CA ARG B 20 19.57 -16.88 -5.98
C ARG B 20 19.87 -15.45 -6.38
N PHE B 21 19.82 -14.55 -5.39
CA PHE B 21 20.18 -13.16 -5.58
C PHE B 21 21.66 -13.04 -5.96
N ARG B 22 22.48 -13.89 -5.34
CA ARG B 22 23.92 -13.89 -5.59
C ARG B 22 24.24 -14.29 -7.02
N ALA B 23 23.61 -15.36 -7.49
CA ALA B 23 23.84 -15.85 -8.85
C ALA B 23 23.39 -14.83 -9.89
N LEU B 24 22.35 -14.07 -9.55
CA LEU B 24 21.83 -13.04 -10.44
C LEU B 24 22.80 -11.87 -10.58
N VAL B 25 23.60 -11.66 -9.54
CA VAL B 25 24.61 -10.60 -9.54
C VAL B 25 25.86 -11.05 -10.28
N GLU B 26 26.28 -12.28 -10.02
CA GLU B 26 27.47 -12.85 -10.66
C GLU B 26 27.30 -12.97 -12.17
N ALA B 27 26.05 -13.01 -12.62
CA ALA B 27 25.74 -13.12 -14.04
C ALA B 27 26.23 -11.89 -14.79
N ASN B 28 26.57 -12.08 -16.06
CA ASN B 28 27.12 -11.02 -16.88
C ASN B 28 26.09 -9.92 -17.16
N GLU B 29 24.86 -10.33 -17.46
CA GLU B 29 23.79 -9.37 -17.72
C GLU B 29 23.40 -8.63 -16.43
N ILE B 30 23.18 -7.33 -16.56
CA ILE B 30 22.84 -6.50 -15.42
C ILE B 30 21.47 -6.86 -14.85
N LEU B 31 21.36 -6.85 -13.53
CA LEU B 31 20.11 -7.24 -12.86
C LEU B 31 19.23 -6.03 -12.58
N GLN B 32 18.08 -5.98 -13.23
CA GLN B 32 17.10 -4.93 -12.99
C GLN B 32 16.26 -5.24 -11.77
N ILE B 33 16.30 -4.35 -10.79
CA ILE B 33 15.57 -4.55 -9.54
C ILE B 33 14.63 -3.39 -9.27
N PRO B 34 13.36 -3.53 -9.66
CA PRO B 34 12.35 -2.49 -9.45
C PRO B 34 11.95 -2.37 -7.99
N GLY B 35 11.47 -1.20 -7.60
CA GLY B 35 10.96 -1.00 -6.25
C GLY B 35 9.47 -1.26 -6.19
N ALA B 36 9.07 -2.18 -5.31
CA ALA B 36 7.67 -2.51 -5.14
C ALA B 36 7.20 -2.16 -3.73
N HIS B 37 6.49 -1.05 -3.61
CA HIS B 37 6.09 -0.55 -2.29
C HIS B 37 5.05 -1.44 -1.61
N ASP B 38 4.34 -2.24 -2.40
CA ASP B 38 3.38 -3.19 -1.85
C ASP B 38 3.34 -4.49 -2.65
N ALA B 39 2.56 -5.46 -2.16
CA ALA B 39 2.51 -6.79 -2.77
C ALA B 39 1.92 -6.79 -4.17
N MSE B 40 0.99 -5.88 -4.43
CA MSE B 40 0.39 -5.77 -5.76
C MSE B 40 1.43 -5.36 -6.80
O MSE B 40 1.49 -5.94 -7.88
CB MSE B 40 -0.77 -4.77 -5.75
CG MSE B 40 -1.31 -4.42 -7.13
SE MSE B 40 -1.81 -5.98 -8.19
CE MSE B 40 -3.29 -6.62 -7.10
N ALA B 41 2.24 -4.36 -6.46
CA ALA B 41 3.30 -3.91 -7.34
C ALA B 41 4.35 -5.00 -7.53
N ALA B 42 4.53 -5.82 -6.50
CA ALA B 42 5.47 -6.92 -6.57
C ALA B 42 4.97 -8.01 -7.53
N LEU B 43 3.67 -8.22 -7.52
CA LEU B 43 3.05 -9.23 -8.39
C LEU B 43 3.22 -8.87 -9.86
N VAL B 44 2.97 -7.61 -10.19
CA VAL B 44 3.07 -7.15 -11.57
C VAL B 44 4.52 -7.16 -12.06
N ALA B 45 5.44 -6.89 -11.14
CA ALA B 45 6.86 -6.91 -11.46
C ALA B 45 7.32 -8.29 -11.88
N ARG B 46 6.86 -9.32 -11.16
CA ARG B 46 7.19 -10.70 -11.50
C ARG B 46 6.52 -11.13 -12.81
N ASN B 47 5.29 -10.68 -13.02
CA ASN B 47 4.57 -10.97 -14.26
C ASN B 47 5.21 -10.27 -15.45
N THR B 48 5.88 -9.16 -15.17
CA THR B 48 6.59 -8.42 -16.20
C THR B 48 7.86 -9.17 -16.59
N GLY B 49 8.38 -9.96 -15.65
CA GLY B 49 9.52 -10.81 -15.93
C GLY B 49 10.73 -10.51 -15.06
N PHE B 50 10.57 -9.62 -14.09
CA PHE B 50 11.67 -9.24 -13.20
C PHE B 50 12.01 -10.36 -12.23
N LEU B 51 13.30 -10.44 -11.87
CA LEU B 51 13.80 -11.57 -11.10
C LEU B 51 14.20 -11.17 -9.67
N ALA B 52 14.04 -9.90 -9.35
CA ALA B 52 14.37 -9.40 -8.02
C ALA B 52 13.56 -8.15 -7.69
N LEU B 53 13.30 -7.94 -6.41
CA LEU B 53 12.48 -6.81 -5.97
C LEU B 53 13.23 -5.93 -4.98
N TYR B 54 12.95 -4.63 -5.02
CA TYR B 54 13.58 -3.68 -4.10
C TYR B 54 12.54 -3.04 -3.19
N LEU B 55 12.84 -2.97 -1.90
CA LEU B 55 11.97 -2.30 -0.95
C LEU B 55 12.60 -1.00 -0.49
N SER B 56 12.17 0.11 -1.08
CA SER B 56 12.71 1.42 -0.75
C SER B 56 12.08 1.97 0.52
N GLY B 57 12.89 2.58 1.37
CA GLY B 57 12.40 3.22 2.57
C GLY B 57 11.63 4.47 2.24
N ALA B 58 12.02 5.14 1.16
CA ALA B 58 11.35 6.35 0.72
C ALA B 58 9.99 6.01 0.09
N ALA B 59 9.92 4.87 -0.57
CA ALA B 59 8.67 4.43 -1.19
C ALA B 59 7.70 3.89 -0.15
N TYR B 60 8.24 3.14 0.81
CA TYR B 60 7.43 2.54 1.86
C TYR B 60 6.76 3.59 2.74
N THR B 61 7.57 4.51 3.27
CA THR B 61 7.06 5.56 4.14
C THR B 61 6.01 6.41 3.45
N ALA B 62 6.30 6.82 2.22
CA ALA B 62 5.39 7.68 1.47
C ALA B 62 4.12 6.95 1.06
N SER B 63 4.16 5.62 1.10
CA SER B 63 2.98 4.82 0.85
C SER B 63 2.12 4.78 2.10
N LYS B 64 2.78 4.84 3.25
CA LYS B 64 2.10 4.86 4.54
C LYS B 64 1.80 6.28 4.97
N GLY B 65 1.88 7.22 4.03
CA GLY B 65 1.60 8.62 4.29
C GLY B 65 2.60 9.25 5.23
N LEU B 66 3.84 8.79 5.17
CA LEU B 66 4.89 9.28 6.07
C LEU B 66 6.11 9.76 5.29
N PRO B 67 6.83 10.75 5.85
CA PRO B 67 8.06 11.23 5.23
C PRO B 67 9.23 10.32 5.56
N ASP B 68 10.20 10.22 4.65
CA ASP B 68 11.38 9.39 4.87
C ASP B 68 12.34 10.09 5.83
N LEU B 69 12.08 9.96 7.13
CA LEU B 69 12.89 10.61 8.14
C LEU B 69 13.29 9.64 9.25
N GLY B 70 13.38 8.36 8.90
CA GLY B 70 13.79 7.33 9.85
C GLY B 70 12.84 7.23 11.04
N ILE B 71 11.54 7.27 10.77
CA ILE B 71 10.55 7.26 11.83
C ILE B 71 9.77 5.94 11.85
N VAL B 72 10.09 5.05 10.92
CA VAL B 72 9.46 3.73 10.87
C VAL B 72 10.32 2.67 11.56
N THR B 73 9.67 1.65 12.08
CA THR B 73 10.36 0.58 12.79
C THR B 73 10.88 -0.47 11.82
N SER B 74 11.83 -1.29 12.27
CA SER B 74 12.39 -2.34 11.44
C SER B 74 11.39 -3.48 11.29
N THR B 75 10.46 -3.56 12.25
CA THR B 75 9.46 -4.62 12.24
C THR B 75 8.41 -4.38 11.18
N GLU B 76 8.05 -3.11 10.96
CA GLU B 76 7.05 -2.76 9.96
C GLU B 76 7.66 -2.71 8.56
N VAL B 77 8.99 -2.72 8.49
CA VAL B 77 9.69 -2.80 7.21
C VAL B 77 9.82 -4.27 6.79
N ALA B 78 10.21 -5.11 7.73
CA ALA B 78 10.31 -6.54 7.50
C ALA B 78 8.93 -7.13 7.22
N GLU B 79 7.92 -6.52 7.83
CA GLU B 79 6.53 -6.91 7.59
C GLU B 79 6.16 -6.72 6.13
N ARG B 80 6.38 -5.52 5.61
CA ARG B 80 6.09 -5.22 4.22
C ARG B 80 7.02 -6.01 3.30
N ALA B 81 8.22 -6.28 3.78
CA ALA B 81 9.19 -7.07 3.03
C ALA B 81 8.70 -8.51 2.88
N ARG B 82 8.17 -9.06 3.96
CA ARG B 82 7.63 -10.41 3.94
C ARG B 82 6.44 -10.53 3.00
N ASP B 83 5.60 -9.50 2.99
CA ASP B 83 4.46 -9.43 2.09
C ASP B 83 4.90 -9.51 0.64
N LEU B 84 6.04 -8.89 0.34
CA LEU B 84 6.60 -8.91 -0.99
C LEU B 84 7.12 -10.30 -1.35
N VAL B 85 7.80 -10.94 -0.39
CA VAL B 85 8.36 -12.26 -0.60
C VAL B 85 7.27 -13.32 -0.76
N ARG B 86 6.26 -13.26 0.10
CA ARG B 86 5.17 -14.23 0.07
C ARG B 86 4.39 -14.22 -1.24
N ALA B 87 4.24 -13.03 -1.83
CA ALA B 87 3.44 -12.87 -3.03
C ALA B 87 4.18 -13.29 -4.29
N THR B 88 5.51 -13.29 -4.25
CA THR B 88 6.30 -13.52 -5.46
C THR B 88 7.31 -14.67 -5.33
N ASP B 89 7.74 -14.95 -4.11
CA ASP B 89 8.83 -15.90 -3.85
C ASP B 89 10.08 -15.48 -4.60
N LEU B 90 10.31 -14.18 -4.68
CA LEU B 90 11.45 -13.61 -5.39
C LEU B 90 12.49 -13.08 -4.41
N PRO B 91 13.75 -13.01 -4.85
CA PRO B 91 14.80 -12.35 -4.07
C PRO B 91 14.45 -10.88 -3.85
N VAL B 92 14.49 -10.42 -2.60
CA VAL B 92 14.10 -9.05 -2.29
C VAL B 92 15.22 -8.28 -1.61
N LEU B 93 15.56 -7.12 -2.15
CA LEU B 93 16.55 -6.23 -1.55
C LEU B 93 15.85 -5.17 -0.71
N VAL B 94 16.07 -5.22 0.60
CA VAL B 94 15.38 -4.32 1.51
C VAL B 94 16.28 -3.21 2.04
N ASP B 95 15.84 -1.97 1.86
CA ASP B 95 16.55 -0.81 2.37
C ASP B 95 16.27 -0.63 3.86
N ILE B 96 17.25 -0.97 4.70
CA ILE B 96 17.08 -0.90 6.14
C ILE B 96 17.73 0.35 6.73
N ASP B 97 17.96 1.35 5.89
CA ASP B 97 18.58 2.62 6.30
C ASP B 97 19.92 2.42 6.99
N THR B 98 19.94 2.60 8.31
CA THR B 98 21.18 2.50 9.08
C THR B 98 21.18 1.30 10.01
N GLY B 99 20.17 0.43 9.87
CA GLY B 99 20.03 -0.72 10.75
C GLY B 99 19.09 -0.41 11.90
N PHE B 100 18.52 0.79 11.87
CA PHE B 100 17.54 1.23 12.85
C PHE B 100 18.07 1.28 14.29
N GLY B 101 19.27 1.83 14.46
CA GLY B 101 19.84 1.99 15.78
C GLY B 101 21.32 1.63 15.86
N GLY B 102 21.77 1.29 17.05
CA GLY B 102 23.15 0.91 17.26
C GLY B 102 23.47 -0.47 16.71
N VAL B 103 24.61 -1.02 17.10
CA VAL B 103 25.05 -2.32 16.61
C VAL B 103 24.10 -3.43 17.04
N LEU B 104 23.39 -3.19 18.13
CA LEU B 104 22.46 -4.17 18.70
C LEU B 104 21.18 -4.24 17.87
N ASN B 105 20.72 -3.09 17.41
CA ASN B 105 19.50 -3.01 16.62
C ASN B 105 19.69 -3.60 15.23
N VAL B 106 20.88 -3.43 14.68
CA VAL B 106 21.21 -3.98 13.37
C VAL B 106 21.18 -5.50 13.42
N ALA B 107 21.57 -6.06 14.55
CA ALA B 107 21.56 -7.51 14.76
C ALA B 107 20.14 -8.05 14.69
N ARG B 108 19.23 -7.40 15.41
CA ARG B 108 17.83 -7.80 15.39
C ARG B 108 17.20 -7.57 14.04
N THR B 109 17.53 -6.45 13.42
CA THR B 109 17.05 -6.11 12.09
C THR B 109 17.44 -7.20 11.09
N ALA B 110 18.71 -7.62 11.16
CA ALA B 110 19.21 -8.68 10.28
C ALA B 110 18.43 -9.98 10.47
N VAL B 111 18.21 -10.35 11.72
CA VAL B 111 17.43 -11.55 12.05
C VAL B 111 15.99 -11.41 11.57
N GLU B 112 15.40 -10.24 11.77
CA GLU B 112 14.04 -9.97 11.33
C GLU B 112 13.88 -10.13 9.82
N MSE B 113 14.90 -9.71 9.07
CA MSE B 113 14.86 -9.82 7.61
C MSE B 113 15.01 -11.27 7.17
O MSE B 113 14.37 -11.71 6.21
CB MSE B 113 15.94 -8.96 6.97
CG MSE B 113 15.78 -7.47 7.25
SE MSE B 113 14.05 -6.78 6.65
CE MSE B 113 14.04 -5.09 7.64
N VAL B 114 15.85 -12.03 7.87
CA VAL B 114 16.04 -13.44 7.58
C VAL B 114 14.74 -14.22 7.77
N GLU B 115 14.01 -13.90 8.85
CA GLU B 115 12.75 -14.56 9.14
C GLU B 115 11.69 -14.20 8.10
N ALA B 116 11.82 -13.02 7.51
CA ALA B 116 10.89 -12.58 6.48
C ALA B 116 11.33 -13.10 5.11
N LYS B 117 12.32 -13.98 5.11
CA LYS B 117 12.84 -14.59 3.89
C LYS B 117 13.36 -13.57 2.89
N VAL B 118 14.03 -12.54 3.41
CA VAL B 118 14.63 -11.50 2.59
C VAL B 118 15.98 -11.96 2.04
N ALA B 119 16.21 -11.71 0.75
CA ALA B 119 17.46 -12.12 0.11
C ALA B 119 18.63 -11.22 0.51
N ALA B 120 18.46 -9.91 0.39
CA ALA B 120 19.55 -8.98 0.66
C ALA B 120 19.09 -7.72 1.39
N VAL B 121 20.02 -7.09 2.11
CA VAL B 121 19.73 -5.86 2.84
C VAL B 121 20.71 -4.75 2.46
N GLN B 122 20.30 -3.51 2.69
CA GLN B 122 21.12 -2.35 2.32
C GLN B 122 21.28 -1.38 3.49
N ILE B 123 22.54 -1.17 3.90
CA ILE B 123 22.83 -0.28 5.03
C ILE B 123 23.58 0.97 4.56
N GLU B 124 23.44 2.06 5.32
CA GLU B 124 23.94 3.36 4.89
C GLU B 124 25.08 3.94 5.71
N ASP B 125 25.74 4.95 5.15
CA ASP B 125 26.77 5.72 5.84
C ASP B 125 26.14 6.77 6.74
N GLN B 126 24.87 7.07 6.48
CA GLN B 126 24.18 8.17 7.14
C GLN B 126 24.22 8.09 8.66
N GLN B 127 24.29 9.26 9.29
CA GLN B 127 24.27 9.36 10.74
C GLN B 127 22.87 9.77 11.22
N LEU B 128 22.27 8.93 12.04
CA LEU B 128 20.92 9.17 12.54
C LEU B 128 20.87 9.05 14.06
N PRO B 129 20.03 9.87 14.70
CA PRO B 129 19.19 10.89 14.07
C PRO B 129 19.95 12.20 13.83
N LYS B 130 19.37 13.07 13.01
CA LYS B 130 19.93 14.40 12.78
C LYS B 130 19.49 15.32 13.92
N LYS B 131 20.38 16.21 14.34
CA LYS B 131 20.08 17.13 15.44
C LYS B 131 18.92 18.05 15.07
N CYS B 132 18.44 18.79 16.06
CA CYS B 132 17.27 19.66 15.89
C CYS B 132 17.42 20.67 14.76
N GLY B 133 18.66 21.02 14.43
CA GLY B 133 18.92 21.94 13.32
C GLY B 133 18.76 21.27 11.98
N ASN B 136 16.64 20.22 6.21
CA ASN B 136 17.62 19.55 5.36
C ASN B 136 18.99 19.47 6.02
N GLY B 137 19.81 18.54 5.55
CA GLY B 137 21.14 18.34 6.08
C GLY B 137 21.71 16.99 5.68
N LYS B 138 23.03 16.84 5.81
CA LYS B 138 23.70 15.59 5.45
C LYS B 138 25.00 15.39 6.21
N LYS B 139 25.07 14.29 6.94
CA LYS B 139 26.27 13.94 7.70
C LYS B 139 26.36 12.42 7.87
N LEU B 140 27.57 11.92 8.06
CA LEU B 140 27.78 10.47 8.15
C LEU B 140 28.32 10.03 9.51
N VAL B 141 28.32 8.71 9.71
CA VAL B 141 28.96 8.12 10.87
C VAL B 141 30.43 7.91 10.55
N THR B 142 31.18 7.34 11.50
CA THR B 142 32.58 7.03 11.24
C THR B 142 32.65 5.72 10.47
N THR B 143 33.77 5.51 9.77
CA THR B 143 33.96 4.29 8.99
C THR B 143 33.93 3.07 9.90
N GLU B 144 34.56 3.20 11.06
CA GLU B 144 34.57 2.14 12.05
C GLU B 144 33.16 1.82 12.55
N GLU B 145 32.32 2.84 12.63
CA GLU B 145 30.96 2.68 13.15
C GLU B 145 30.10 1.79 12.26
N LEU B 146 30.18 1.99 10.94
CA LEU B 146 29.39 1.20 10.01
C LEU B 146 30.00 -0.19 9.78
N VAL B 147 31.33 -0.24 9.75
CA VAL B 147 32.04 -1.51 9.62
C VAL B 147 31.62 -2.46 10.74
N GLN B 148 31.45 -1.91 11.94
CA GLN B 148 30.97 -2.66 13.08
C GLN B 148 29.56 -3.20 12.85
N LYS B 149 28.73 -2.41 12.18
CA LYS B 149 27.37 -2.83 11.87
C LYS B 149 27.36 -3.94 10.81
N ILE B 150 28.25 -3.82 9.83
CA ILE B 150 28.39 -4.85 8.80
C ILE B 150 28.93 -6.14 9.42
N LYS B 151 29.88 -5.98 10.35
CA LYS B 151 30.43 -7.12 11.07
C LYS B 151 29.36 -7.83 11.89
N ALA B 152 28.45 -7.05 12.45
CA ALA B 152 27.36 -7.58 13.26
C ALA B 152 26.41 -8.45 12.43
N ILE B 153 26.12 -8.01 11.22
CA ILE B 153 25.23 -8.75 10.33
C ILE B 153 25.84 -10.07 9.90
N LYS B 154 27.10 -10.05 9.48
CA LYS B 154 27.80 -11.25 9.05
C LYS B 154 27.84 -12.30 10.15
N GLU B 155 28.03 -11.85 11.38
CA GLU B 155 28.08 -12.75 12.52
C GLU B 155 26.70 -13.33 12.83
N VAL B 156 25.70 -12.46 12.93
CA VAL B 156 24.36 -12.85 13.33
C VAL B 156 23.53 -13.43 12.17
N ALA B 157 23.63 -12.81 11.00
CA ALA B 157 22.88 -13.28 9.83
C ALA B 157 23.79 -13.55 8.64
N PRO B 158 24.50 -14.69 8.67
CA PRO B 158 25.45 -15.05 7.61
C PRO B 158 24.74 -15.39 6.30
N SER B 159 23.47 -15.77 6.40
CA SER B 159 22.69 -16.16 5.24
C SER B 159 22.12 -14.95 4.50
N LEU B 160 22.58 -13.76 4.89
CA LEU B 160 22.05 -12.53 4.32
C LEU B 160 23.06 -11.83 3.42
N TYR B 161 22.66 -11.57 2.18
CA TYR B 161 23.50 -10.84 1.24
C TYR B 161 23.55 -9.37 1.65
N ILE B 162 24.74 -8.80 1.70
CA ILE B 162 24.91 -7.44 2.23
C ILE B 162 25.33 -6.44 1.17
N VAL B 163 24.58 -5.34 1.09
CA VAL B 163 24.92 -4.23 0.21
C VAL B 163 25.15 -2.97 1.03
N ALA B 164 26.33 -2.38 0.89
CA ALA B 164 26.70 -1.20 1.68
C ALA B 164 26.53 0.09 0.89
N ARG B 165 25.69 1.00 1.39
CA ARG B 165 25.51 2.29 0.75
C ARG B 165 26.35 3.37 1.40
N THR B 166 27.15 4.07 0.59
CA THR B 166 27.94 5.19 1.08
C THR B 166 27.49 6.51 0.45
N ASP B 167 27.41 7.55 1.29
CA ASP B 167 27.01 8.86 0.82
C ASP B 167 28.14 9.86 1.03
N ALA B 168 29.37 9.36 1.04
CA ALA B 168 30.55 10.18 1.30
C ALA B 168 30.90 11.06 0.11
N ARG B 169 30.42 10.68 -1.06
CA ARG B 169 30.72 11.42 -2.29
C ARG B 169 30.25 12.87 -2.22
N GLY B 170 29.04 13.08 -1.70
CA GLY B 170 28.46 14.40 -1.63
C GLY B 170 28.99 15.24 -0.48
N VAL B 171 29.46 14.59 0.58
CA VAL B 171 29.92 15.30 1.77
C VAL B 171 31.44 15.26 1.95
N GLU B 172 32.04 14.09 1.73
CA GLU B 172 33.47 13.92 1.97
C GLU B 172 34.28 13.79 0.69
N GLY B 173 33.62 13.37 -0.39
CA GLY B 173 34.26 13.27 -1.68
C GLY B 173 34.43 11.85 -2.16
N LEU B 174 34.93 11.70 -3.39
CA LEU B 174 35.12 10.39 -4.00
C LEU B 174 36.19 9.58 -3.27
N ASP B 175 37.24 10.26 -2.84
N ASP B 175 37.27 10.19 -2.82
CA ASP B 175 38.38 9.62 -2.20
CA ASP B 175 38.37 9.48 -2.19
C ASP B 175 37.97 8.85 -0.94
C ASP B 175 38.01 8.81 -0.88
N GLU B 176 37.30 9.54 -0.02
CA GLU B 176 36.83 8.92 1.21
C GLU B 176 35.76 7.86 0.92
N ALA B 177 34.95 8.13 -0.11
CA ALA B 177 33.91 7.20 -0.50
C ALA B 177 34.49 5.86 -0.95
N ILE B 178 35.63 5.91 -1.64
CA ILE B 178 36.31 4.71 -2.08
C ILE B 178 36.94 3.97 -0.89
N GLU B 179 37.63 4.72 -0.04
CA GLU B 179 38.27 4.15 1.14
C GLU B 179 37.27 3.53 2.10
N ARG B 180 36.10 4.14 2.20
CA ARG B 180 35.03 3.59 3.02
C ARG B 180 34.46 2.33 2.38
N ALA B 181 34.21 2.40 1.08
CA ALA B 181 33.63 1.28 0.33
C ALA B 181 34.49 0.02 0.44
N ASN B 182 35.81 0.18 0.34
CA ASN B 182 36.72 -0.95 0.46
C ASN B 182 36.77 -1.49 1.89
N ALA B 183 36.59 -0.61 2.86
CA ALA B 183 36.55 -1.01 4.26
C ALA B 183 35.26 -1.76 4.55
N TYR B 184 34.20 -1.42 3.83
CA TYR B 184 32.92 -2.07 3.98
C TYR B 184 32.96 -3.48 3.40
N VAL B 185 33.64 -3.62 2.26
CA VAL B 185 33.85 -4.92 1.64
C VAL B 185 34.69 -5.80 2.56
N LYS B 186 35.69 -5.18 3.18
CA LYS B 186 36.54 -5.88 4.15
C LYS B 186 35.73 -6.35 5.35
N ALA B 187 34.70 -5.59 5.70
CA ALA B 187 33.85 -5.93 6.84
C ALA B 187 32.92 -7.09 6.52
N GLY B 188 32.56 -7.23 5.24
CA GLY B 188 31.74 -8.35 4.82
C GLY B 188 30.67 -8.00 3.80
N ALA B 189 30.69 -6.76 3.32
CA ALA B 189 29.73 -6.33 2.30
C ALA B 189 29.98 -7.02 0.97
N ASP B 190 28.96 -7.70 0.46
CA ASP B 190 29.09 -8.46 -0.78
C ASP B 190 29.02 -7.54 -2.00
N ALA B 191 28.43 -6.35 -1.81
CA ALA B 191 28.34 -5.37 -2.87
C ALA B 191 28.22 -3.98 -2.25
N ILE B 192 28.52 -2.94 -3.01
CA ILE B 192 28.43 -1.58 -2.48
C ILE B 192 27.54 -0.66 -3.31
N PHE B 193 27.04 0.39 -2.67
CA PHE B 193 26.16 1.36 -3.29
C PHE B 193 26.76 2.75 -3.12
N PRO B 194 27.38 3.28 -4.19
CA PRO B 194 27.98 4.61 -4.19
C PRO B 194 26.99 5.68 -4.64
N GLU B 195 26.37 6.36 -3.69
CA GLU B 195 25.32 7.33 -4.00
C GLU B 195 25.87 8.62 -4.62
N ALA B 196 25.26 9.01 -5.73
CA ALA B 196 25.50 10.30 -6.38
C ALA B 196 26.95 10.52 -6.84
N LEU B 197 27.47 9.61 -7.64
CA LEU B 197 28.76 9.83 -8.30
C LEU B 197 28.56 10.89 -9.39
N GLN B 198 29.49 11.84 -9.45
CA GLN B 198 29.28 13.05 -10.25
C GLN B 198 29.34 12.88 -11.77
N SER B 199 30.19 11.97 -12.24
CA SER B 199 30.36 11.81 -13.69
C SER B 199 30.69 10.38 -14.12
N GLU B 200 30.77 10.18 -15.43
CA GLU B 200 31.08 8.87 -16.00
C GLU B 200 32.51 8.44 -15.69
N GLU B 201 33.41 9.40 -15.60
CA GLU B 201 34.80 9.10 -15.25
C GLU B 201 34.88 8.76 -13.77
N GLU B 202 33.96 9.32 -12.97
CA GLU B 202 33.86 8.95 -11.57
C GLU B 202 33.26 7.55 -11.44
N PHE B 203 32.44 7.18 -12.41
CA PHE B 203 31.88 5.84 -12.45
C PHE B 203 32.99 4.82 -12.65
N ARG B 204 33.80 5.03 -13.69
CA ARG B 204 34.88 4.12 -14.02
C ARG B 204 35.97 4.10 -12.96
N LEU B 205 36.38 5.29 -12.51
CA LEU B 205 37.46 5.40 -11.52
C LEU B 205 37.06 4.72 -10.21
N PHE B 206 35.78 4.78 -9.88
CA PHE B 206 35.26 4.12 -8.69
C PHE B 206 35.25 2.61 -8.92
N ASN B 207 34.73 2.20 -10.07
CA ASN B 207 34.70 0.80 -10.46
C ASN B 207 36.11 0.21 -10.49
N SER B 208 37.08 1.06 -10.80
CA SER B 208 38.47 0.64 -10.91
C SER B 208 39.09 0.35 -9.55
N LYS B 209 38.97 1.29 -8.62
CA LYS B 209 39.66 1.21 -7.34
C LYS B 209 38.88 0.45 -6.27
N VAL B 210 37.61 0.16 -6.52
CA VAL B 210 36.79 -0.59 -5.58
C VAL B 210 36.57 -2.02 -6.07
N ASN B 211 36.83 -2.98 -5.19
CA ASN B 211 36.78 -4.39 -5.57
C ASN B 211 35.50 -5.08 -5.10
N ALA B 212 34.38 -4.74 -5.74
CA ALA B 212 33.08 -5.31 -5.40
C ALA B 212 32.05 -4.98 -6.47
N PRO B 213 31.01 -5.83 -6.62
CA PRO B 213 29.90 -5.52 -7.52
C PRO B 213 29.24 -4.21 -7.16
N LEU B 214 29.02 -3.36 -8.16
CA LEU B 214 28.49 -2.02 -7.92
C LEU B 214 26.99 -1.92 -8.18
N LEU B 215 26.32 -1.04 -7.43
CA LEU B 215 24.90 -0.81 -7.59
C LEU B 215 24.66 0.61 -8.09
N ALA B 216 23.69 0.76 -8.98
CA ALA B 216 23.38 2.07 -9.55
C ALA B 216 21.98 2.53 -9.14
N ASN B 217 21.89 3.79 -8.72
CA ASN B 217 20.60 4.37 -8.33
C ASN B 217 19.92 5.08 -9.49
N MSE B 218 18.93 4.42 -10.07
CA MSE B 218 18.18 5.03 -11.17
C MSE B 218 16.85 5.59 -10.68
O MSE B 218 15.79 5.07 -11.02
CB MSE B 218 17.97 4.02 -12.31
CG MSE B 218 17.51 4.65 -13.61
SE MSE B 218 18.71 6.03 -14.30
CE MSE B 218 17.81 7.62 -13.61
N THR B 219 16.92 6.63 -9.86
CA THR B 219 15.72 7.32 -9.42
C THR B 219 15.45 8.51 -10.33
N GLU B 220 14.20 8.98 -10.33
CA GLU B 220 13.80 10.01 -11.27
C GLU B 220 13.95 11.43 -10.73
N PHE B 221 14.03 12.40 -11.63
CA PHE B 221 14.12 13.81 -11.29
C PHE B 221 15.32 14.15 -10.41
N GLY B 222 16.38 13.35 -10.53
CA GLY B 222 17.58 13.55 -9.75
C GLY B 222 18.75 14.02 -10.60
N LYS B 223 19.94 13.95 -10.03
CA LYS B 223 21.15 14.41 -10.71
C LYS B 223 21.77 13.31 -11.55
N THR B 224 20.99 12.28 -11.86
CA THR B 224 21.46 11.17 -12.69
C THR B 224 20.58 11.01 -13.92
N PRO B 225 21.18 11.10 -15.12
CA PRO B 225 20.48 10.92 -16.40
C PRO B 225 19.86 9.54 -16.52
N TYR B 226 18.99 9.35 -17.50
CA TYR B 226 18.25 8.10 -17.64
C TYR B 226 18.95 7.11 -18.56
N TYR B 227 20.00 6.47 -18.05
CA TYR B 227 20.68 5.42 -18.79
C TYR B 227 19.77 4.20 -18.89
N SER B 228 19.96 3.41 -19.95
CA SER B 228 19.32 2.12 -20.03
C SER B 228 20.07 1.15 -19.12
N ALA B 229 19.51 -0.03 -18.91
CA ALA B 229 20.18 -1.03 -18.09
C ALA B 229 21.51 -1.44 -18.72
N GLU B 230 21.56 -1.47 -20.05
CA GLU B 230 22.76 -1.84 -20.77
C GLU B 230 23.85 -0.77 -20.69
N GLU B 231 23.45 0.49 -20.68
CA GLU B 231 24.39 1.60 -20.59
C GLU B 231 25.10 1.60 -19.23
N PHE B 232 24.40 1.16 -18.20
CA PHE B 232 25.02 1.00 -16.89
C PHE B 232 25.99 -0.17 -16.89
N ALA B 233 25.60 -1.24 -17.58
CA ALA B 233 26.43 -2.45 -17.67
C ALA B 233 27.75 -2.17 -18.36
N ASN B 234 27.72 -1.30 -19.37
CA ASN B 234 28.93 -0.90 -20.07
C ASN B 234 29.86 -0.12 -19.15
N MSE B 235 29.28 0.54 -18.16
CA MSE B 235 30.05 1.35 -17.23
C MSE B 235 30.46 0.56 -15.99
O MSE B 235 31.03 1.13 -15.05
CB MSE B 235 29.28 2.62 -16.85
CG MSE B 235 28.98 3.51 -18.05
SE MSE B 235 28.07 5.17 -17.58
CE MSE B 235 26.41 4.43 -16.87
N GLY B 236 30.18 -0.73 -15.99
CA GLY B 236 30.69 -1.63 -14.96
C GLY B 236 29.70 -2.08 -13.90
N PHE B 237 28.45 -1.64 -14.01
CA PHE B 237 27.43 -1.99 -13.03
C PHE B 237 26.83 -3.38 -13.30
N GLN B 238 26.57 -4.11 -12.22
CA GLN B 238 25.97 -5.44 -12.32
C GLN B 238 24.52 -5.42 -11.89
N MSE B 239 24.16 -4.43 -11.08
CA MSE B 239 22.78 -4.27 -10.62
C MSE B 239 22.36 -2.80 -10.67
O MSE B 239 23.16 -1.92 -10.36
CB MSE B 239 22.62 -4.78 -9.19
CG MSE B 239 23.74 -5.66 -8.68
SE MSE B 239 23.77 -5.67 -6.74
CE MSE B 239 21.86 -5.53 -6.43
N VAL B 240 21.11 -2.56 -11.04
CA VAL B 240 20.55 -1.21 -11.04
C VAL B 240 19.13 -1.23 -10.46
N ILE B 241 18.85 -0.31 -9.54
CA ILE B 241 17.56 -0.28 -8.88
C ILE B 241 16.66 0.83 -9.41
N TYR B 242 15.35 0.62 -9.27
CA TYR B 242 14.36 1.64 -9.58
C TYR B 242 13.50 1.84 -8.33
N PRO B 243 14.03 2.61 -7.37
CA PRO B 243 13.54 2.74 -5.99
C PRO B 243 12.04 3.01 -5.83
N VAL B 244 11.63 4.25 -6.06
CA VAL B 244 10.27 4.66 -5.73
C VAL B 244 9.40 4.84 -6.98
N THR B 245 9.84 4.26 -8.08
CA THR B 245 9.15 4.42 -9.37
C THR B 245 7.69 3.95 -9.34
N SER B 246 7.44 2.83 -8.67
CA SER B 246 6.09 2.27 -8.59
C SER B 246 5.16 3.18 -7.80
N LEU B 247 5.69 3.81 -6.76
CA LEU B 247 4.90 4.72 -5.95
C LEU B 247 4.54 5.98 -6.72
N ARG B 248 5.48 6.45 -7.54
CA ARG B 248 5.30 7.69 -8.29
C ARG B 248 4.18 7.61 -9.32
N VAL B 249 4.10 6.48 -10.02
CA VAL B 249 3.06 6.28 -11.03
C VAL B 249 1.69 6.02 -10.40
N ALA B 250 1.70 5.44 -9.21
CA ALA B 250 0.45 5.14 -8.50
C ALA B 250 -0.21 6.42 -8.01
N ALA B 251 0.61 7.35 -7.52
CA ALA B 251 0.11 8.61 -6.97
C ALA B 251 -0.57 9.46 -8.04
N LYS B 252 0.10 9.65 -9.17
CA LYS B 252 -0.44 10.44 -10.27
C LYS B 252 -1.70 9.79 -10.82
N ALA B 253 -1.77 8.47 -10.73
CA ALA B 253 -2.97 7.73 -11.13
C ALA B 253 -4.13 8.04 -10.20
N TYR B 254 -3.82 8.17 -8.90
CA TYR B 254 -4.82 8.55 -7.91
C TYR B 254 -5.31 9.96 -8.21
N GLU B 255 -4.38 10.84 -8.52
CA GLU B 255 -4.68 12.25 -8.77
C GLU B 255 -5.61 12.44 -9.95
N ASN B 256 -5.42 11.65 -11.00
CA ASN B 256 -6.23 11.77 -12.21
C ASN B 256 -7.65 11.25 -12.02
N VAL B 257 -7.79 10.05 -11.49
CA VAL B 257 -9.10 9.42 -11.36
C VAL B 257 -9.95 10.06 -10.27
N PHE B 258 -9.31 10.63 -9.26
CA PHE B 258 -10.03 11.33 -8.20
C PHE B 258 -10.55 12.68 -8.68
N THR B 259 -9.67 13.44 -9.35
CA THR B 259 -10.04 14.72 -9.91
C THR B 259 -11.17 14.55 -10.91
N LEU B 260 -11.13 13.45 -11.65
CA LEU B 260 -12.20 13.10 -12.58
C LEU B 260 -13.50 12.89 -11.82
N ILE B 261 -13.47 12.02 -10.82
CA ILE B 261 -14.65 11.71 -10.03
C ILE B 261 -15.21 12.93 -9.30
N LYS B 262 -14.32 13.77 -8.79
CA LYS B 262 -14.75 14.96 -8.06
C LYS B 262 -15.34 16.04 -8.96
N GLU B 263 -14.77 16.20 -10.15
CA GLU B 263 -15.21 17.24 -11.08
C GLU B 263 -16.31 16.78 -12.03
N THR B 264 -16.28 15.50 -12.43
CA THR B 264 -17.29 14.96 -13.34
C THR B 264 -18.44 14.30 -12.59
N GLY B 265 -18.10 13.51 -11.58
CA GLY B 265 -19.10 12.79 -10.81
C GLY B 265 -19.13 11.32 -11.18
N SER B 266 -18.17 10.91 -12.00
CA SER B 266 -18.08 9.52 -12.46
C SER B 266 -16.65 9.19 -12.87
N GLN B 267 -16.33 7.90 -12.91
CA GLN B 267 -15.01 7.45 -13.33
C GLN B 267 -15.05 6.85 -14.72
N LYS B 268 -16.11 7.17 -15.47
CA LYS B 268 -16.36 6.59 -16.78
C LYS B 268 -15.25 6.84 -17.79
N ASP B 269 -14.62 8.02 -17.72
CA ASP B 269 -13.62 8.40 -18.70
C ASP B 269 -12.21 7.94 -18.33
N ALA B 270 -12.13 7.01 -17.38
CA ALA B 270 -10.84 6.47 -16.95
C ALA B 270 -10.85 4.94 -16.96
N LEU B 271 -11.87 4.37 -17.59
CA LEU B 271 -12.01 2.91 -17.67
C LEU B 271 -10.85 2.28 -18.44
N SER B 272 -10.25 3.05 -19.34
CA SER B 272 -9.14 2.57 -20.15
C SER B 272 -7.83 2.61 -19.37
N ASN B 273 -7.86 3.23 -18.20
CA ASN B 273 -6.68 3.35 -17.36
C ASN B 273 -6.74 2.43 -16.14
N MSE B 274 -7.57 1.39 -16.24
CA MSE B 274 -7.81 0.51 -15.10
C MSE B 274 -7.51 -0.96 -15.41
O MSE B 274 -7.69 -1.42 -16.53
CB MSE B 274 -9.25 0.64 -14.61
CG MSE B 274 -9.62 2.02 -14.13
SE MSE B 274 -11.47 2.09 -13.51
CE MSE B 274 -11.59 3.99 -13.10
N GLN B 275 -7.06 -1.67 -14.38
CA GLN B 275 -6.91 -3.12 -14.44
C GLN B 275 -8.29 -3.77 -14.31
N THR B 276 -8.69 -4.54 -15.32
CA THR B 276 -10.00 -5.17 -15.30
C THR B 276 -10.12 -6.19 -14.18
N ARG B 277 -11.35 -6.61 -13.89
CA ARG B 277 -11.60 -7.60 -12.86
C ARG B 277 -10.88 -8.91 -13.17
N SER B 278 -11.04 -9.37 -14.41
CA SER B 278 -10.41 -10.60 -14.87
C SER B 278 -8.89 -10.53 -14.79
N GLU B 279 -8.34 -9.35 -15.02
CA GLU B 279 -6.89 -9.14 -14.89
C GLU B 279 -6.48 -9.15 -13.42
N LEU B 280 -7.35 -8.63 -12.57
CA LEU B 280 -7.15 -8.69 -11.12
C LEU B 280 -7.41 -10.10 -10.62
N TYR B 281 -8.40 -10.74 -11.23
CA TYR B 281 -8.77 -12.12 -10.92
C TYR B 281 -7.57 -13.05 -11.07
N GLU B 282 -6.91 -12.97 -12.22
CA GLU B 282 -5.78 -13.84 -12.53
C GLU B 282 -4.51 -13.40 -11.83
N THR B 283 -4.45 -12.13 -11.45
CA THR B 283 -3.26 -11.58 -10.79
C THR B 283 -3.06 -12.16 -9.40
N ILE B 284 -4.09 -12.08 -8.56
CA ILE B 284 -4.00 -12.57 -7.19
C ILE B 284 -4.26 -14.08 -7.10
N SER B 285 -4.23 -14.74 -8.25
CA SER B 285 -4.30 -16.20 -8.35
C SER B 285 -5.55 -16.80 -7.70
N TYR B 286 -6.71 -16.19 -7.97
CA TYR B 286 -7.97 -16.68 -7.43
C TYR B 286 -8.26 -18.10 -7.90
N HIS B 287 -7.83 -18.41 -9.12
CA HIS B 287 -8.06 -19.73 -9.72
C HIS B 287 -7.44 -20.85 -8.90
N ASP B 288 -6.28 -20.58 -8.30
CA ASP B 288 -5.56 -21.59 -7.54
C ASP B 288 -6.17 -21.85 -6.17
N PHE B 289 -6.71 -20.80 -5.55
CA PHE B 289 -7.40 -20.95 -4.27
C PHE B 289 -8.67 -21.78 -4.45
N GLU B 290 -9.33 -21.58 -5.60
CA GLU B 290 -10.56 -22.30 -5.91
C GLU B 290 -10.26 -23.77 -6.19
N GLU B 291 -9.11 -24.02 -6.82
CA GLU B 291 -8.65 -25.37 -7.08
C GLU B 291 -8.35 -26.08 -5.77
N LEU B 292 -7.83 -25.33 -4.81
CA LEU B 292 -7.49 -25.87 -3.49
C LEU B 292 -8.75 -26.23 -2.72
N ASP B 293 -9.77 -25.39 -2.83
CA ASP B 293 -11.02 -25.58 -2.12
C ASP B 293 -11.70 -26.88 -2.55
N THR B 294 -11.93 -27.02 -3.84
CA THR B 294 -12.57 -28.20 -4.39
C THR B 294 -11.59 -29.38 -4.47
N GLY B 295 -10.30 -29.08 -4.35
CA GLY B 295 -9.28 -30.11 -4.33
C GLY B 295 -9.29 -30.84 -3.00
N ILE B 296 -9.96 -30.24 -2.02
CA ILE B 296 -10.10 -30.84 -0.71
C ILE B 296 -11.49 -31.46 -0.58
N ALA B 297 -12.49 -30.77 -1.12
CA ALA B 297 -13.88 -31.21 -1.03
C ALA B 297 -14.16 -32.44 -1.90
N LYS B 298 -13.36 -32.64 -2.93
CA LYS B 298 -13.61 -33.73 -3.88
C LYS B 298 -12.76 -34.97 -3.62
N THR B 299 -11.70 -34.81 -2.83
CA THR B 299 -10.86 -35.95 -2.46
C THR B 299 -11.57 -36.78 -1.40
N VAL B 300 -12.63 -36.23 -0.83
CA VAL B 300 -13.45 -36.93 0.14
C VAL B 300 -14.91 -36.53 0.01
#